data_1G9W
# 
_entry.id   1G9W 
# 
_audit_conform.dict_name       mmcif_pdbx.dic 
_audit_conform.dict_version    5.389 
_audit_conform.dict_location   http://mmcif.pdb.org/dictionaries/ascii/mmcif_pdbx.dic 
# 
loop_
_database_2.database_id 
_database_2.database_code 
_database_2.pdbx_database_accession 
_database_2.pdbx_DOI 
PDB   1G9W         pdb_00001g9w 10.2210/pdb1g9w/pdb 
RCSB  RCSB012415   ?            ?                   
WWPDB D_1000012415 ?            ?                   
# 
loop_
_pdbx_audit_revision_history.ordinal 
_pdbx_audit_revision_history.data_content_type 
_pdbx_audit_revision_history.major_revision 
_pdbx_audit_revision_history.minor_revision 
_pdbx_audit_revision_history.revision_date 
1 'Structure model' 1 0 2001-04-18 
2 'Structure model' 1 1 2008-04-27 
3 'Structure model' 1 2 2011-07-13 
4 'Structure model' 1 3 2024-02-07 
5 'Structure model' 1 4 2024-04-03 
# 
_pdbx_audit_revision_details.ordinal             1 
_pdbx_audit_revision_details.revision_ordinal    1 
_pdbx_audit_revision_details.data_content_type   'Structure model' 
_pdbx_audit_revision_details.provider            repository 
_pdbx_audit_revision_details.type                'Initial release' 
_pdbx_audit_revision_details.description         ? 
_pdbx_audit_revision_details.details             ? 
# 
loop_
_pdbx_audit_revision_group.ordinal 
_pdbx_audit_revision_group.revision_ordinal 
_pdbx_audit_revision_group.data_content_type 
_pdbx_audit_revision_group.group 
1 2 'Structure model' 'Version format compliance' 
2 3 'Structure model' 'Version format compliance' 
3 4 'Structure model' 'Data collection'           
4 4 'Structure model' 'Database references'       
5 5 'Structure model' 'Refinement description'    
# 
loop_
_pdbx_audit_revision_category.ordinal 
_pdbx_audit_revision_category.revision_ordinal 
_pdbx_audit_revision_category.data_content_type 
_pdbx_audit_revision_category.category 
1 4 'Structure model' chem_comp_atom                
2 4 'Structure model' chem_comp_bond                
3 4 'Structure model' database_2                    
4 5 'Structure model' pdbx_initial_refinement_model 
# 
loop_
_pdbx_audit_revision_item.ordinal 
_pdbx_audit_revision_item.revision_ordinal 
_pdbx_audit_revision_item.data_content_type 
_pdbx_audit_revision_item.item 
1 4 'Structure model' '_database_2.pdbx_DOI'                
2 4 'Structure model' '_database_2.pdbx_database_accession' 
# 
_pdbx_database_status.status_code                     REL 
_pdbx_database_status.entry_id                        1G9W 
_pdbx_database_status.recvd_initial_deposition_date   2000-11-28 
_pdbx_database_status.deposit_site                    RCSB 
_pdbx_database_status.process_site                    RCSB 
_pdbx_database_status.SG_entry                        . 
_pdbx_database_status.pdb_format_compatible           Y 
_pdbx_database_status.status_code_mr                  ? 
_pdbx_database_status.status_code_sf                  ? 
_pdbx_database_status.status_code_cs                  ? 
_pdbx_database_status.status_code_nmr_data            ? 
_pdbx_database_status.methods_development_category    ? 
# 
loop_
_pdbx_database_related.db_name 
_pdbx_database_related.db_id 
_pdbx_database_related.details 
_pdbx_database_related.content_type 
PDB 1a3j . unspecified 
PDB 1a3i . unspecified 
# 
loop_
_audit_author.name 
_audit_author.pdbx_ordinal 
'Vitagliano, L.' 1 
'Berisio, R.'    2 
'Mazzarella, L.' 3 
'Zagari, A.'     4 
# 
loop_
_citation.id 
_citation.title 
_citation.journal_abbrev 
_citation.journal_volume 
_citation.page_first 
_citation.page_last 
_citation.year 
_citation.journal_id_ASTM 
_citation.country 
_citation.journal_id_ISSN 
_citation.journal_id_CSD 
_citation.book_publisher 
_citation.pdbx_database_id_PubMed 
_citation.pdbx_database_id_DOI 
primary 'Structural bases of collagen stabilization induced by proline hydroxylation.'                              Biopolymers 58 
459 464 2001 BIPMAA US 0006-3525 0161 ? 11241217 '10.1002/1097-0282(20010415)58:5<459::AID-BIP1021>3.0.CO;2-V' 
1       'Effects of microgravity on the crystal quality of a collagen-like polypeptide'                             
'Acta Crystallogr.,Sect.D' 56  55  61  2000 ABCRE6 DK 0907-4449 0766 ? ?        10.1107/S0907444999014158 
2       'X-RAY CRYSTALLOGRAPHIC DETERMINATION OF A COLLAGEN-LIKE PEPTIDE WITH THE REPEATING SEQUENCE (PRO-PRO-GLY)' J.Mol.Biol. 
280 623 638 1998 JMOBAK UK 0022-2836 0070 ? ?        10.1006/jmbi.1998.1881                                        
# 
loop_
_citation_author.citation_id 
_citation_author.name 
_citation_author.ordinal 
_citation_author.identifier_ORCID 
primary 'Vitagliano, L.' 1  ? 
primary 'Berisio, R.'    2  ? 
primary 'Mazzarella, L.' 3  ? 
primary 'Zagari, A.'     4  ? 
1       'Berisio, R.'    5  ? 
1       'Vitagliano, L.' 6  ? 
1       'Sorrentino, G.' 7  ? 
1       'Carotenuto, L.' 8  ? 
1       'Piccolo, C.'    9  ? 
1       'Mazzarella, L.' 10 ? 
1       'Zagari, A.'     11 ? 
2       'Kramer, R.Z.'   12 ? 
2       'Vitagliano, L.' 13 ? 
2       'Bella, J.'      14 ? 
2       'Berisio, R.'    15 ? 
2       'Mazzarella, L.' 16 ? 
2       'Brodsky, B.'    17 ? 
2       'Zagari, A.'     18 ? 
2       'Berman, H.M.'   19 ? 
# 
loop_
_entity.id 
_entity.type 
_entity.src_method 
_entity.pdbx_description 
_entity.formula_weight 
_entity.pdbx_number_of_molecules 
_entity.pdbx_ec 
_entity.pdbx_mutation 
_entity.pdbx_fragment 
_entity.details 
1 polymer syn 'COLLAGEN-LIKE PEPTIDE' 771.859 1  ? ? ? ? 
2 polymer syn 'COLLAGEN-LIKE PEPTIDE' 520.578 2  ? ? ? ? 
3 water   nat water                   18.015  36 ? ? ? ? 
# 
loop_
_entity_poly.entity_id 
_entity_poly.type 
_entity_poly.nstd_linkage 
_entity_poly.nstd_monomer 
_entity_poly.pdbx_seq_one_letter_code 
_entity_poly.pdbx_seq_one_letter_code_can 
_entity_poly.pdbx_strand_id 
_entity_poly.pdbx_target_identifier 
1 'polypeptide(L)' no no PPGPPGPPG PPGPPGPPG A   ? 
2 'polypeptide(L)' no no PPGPPG    PPGPPG    B,C ? 
# 
_pdbx_entity_nonpoly.entity_id   3 
_pdbx_entity_nonpoly.name        water 
_pdbx_entity_nonpoly.comp_id     HOH 
# 
loop_
_entity_poly_seq.entity_id 
_entity_poly_seq.num 
_entity_poly_seq.mon_id 
_entity_poly_seq.hetero 
1 1 PRO n 
1 2 PRO n 
1 3 GLY n 
1 4 PRO n 
1 5 PRO n 
1 6 GLY n 
1 7 PRO n 
1 8 PRO n 
1 9 GLY n 
2 1 PRO n 
2 2 PRO n 
2 3 GLY n 
2 4 PRO n 
2 5 PRO n 
2 6 GLY n 
# 
loop_
_chem_comp.id 
_chem_comp.type 
_chem_comp.mon_nstd_flag 
_chem_comp.name 
_chem_comp.pdbx_synonyms 
_chem_comp.formula 
_chem_comp.formula_weight 
GLY 'peptide linking'   y GLYCINE ? 'C2 H5 N O2' 75.067  
HOH non-polymer         . WATER   ? 'H2 O'       18.015  
PRO 'L-peptide linking' y PROLINE ? 'C5 H9 N O2' 115.130 
# 
loop_
_pdbx_poly_seq_scheme.asym_id 
_pdbx_poly_seq_scheme.entity_id 
_pdbx_poly_seq_scheme.seq_id 
_pdbx_poly_seq_scheme.mon_id 
_pdbx_poly_seq_scheme.ndb_seq_num 
_pdbx_poly_seq_scheme.pdb_seq_num 
_pdbx_poly_seq_scheme.auth_seq_num 
_pdbx_poly_seq_scheme.pdb_mon_id 
_pdbx_poly_seq_scheme.auth_mon_id 
_pdbx_poly_seq_scheme.pdb_strand_id 
_pdbx_poly_seq_scheme.pdb_ins_code 
_pdbx_poly_seq_scheme.hetero 
A 1 1 PRO 1 1  1  PRO PRO A . n 
A 1 2 PRO 2 2  2  PRO PRO A . n 
A 1 3 GLY 3 3  3  GLY GLY A . n 
A 1 4 PRO 4 4  4  PRO PRO A . n 
A 1 5 PRO 5 5  5  PRO PRO A . n 
A 1 6 GLY 6 6  6  GLY GLY A . n 
A 1 7 PRO 7 7  7  PRO PRO A . n 
A 1 8 PRO 8 8  8  PRO PRO A . n 
A 1 9 GLY 9 9  9  GLY GLY A . n 
B 2 1 PRO 1 31 31 PRO PRO B . n 
B 2 2 PRO 2 32 32 PRO PRO B . n 
B 2 3 GLY 3 33 33 GLY GLY B . n 
B 2 4 PRO 4 34 34 PRO PRO B . n 
B 2 5 PRO 5 35 35 PRO PRO B . n 
B 2 6 GLY 6 36 36 GLY GLY B . n 
C 2 1 PRO 1 61 61 PRO PRO C . n 
C 2 2 PRO 2 62 62 PRO PRO C . n 
C 2 3 GLY 3 63 63 GLY GLY C . n 
C 2 4 PRO 4 64 64 PRO PRO C . n 
C 2 5 PRO 5 65 65 PRO PRO C . n 
C 2 6 GLY 6 66 66 GLY GLY C . n 
# 
loop_
_pdbx_nonpoly_scheme.asym_id 
_pdbx_nonpoly_scheme.entity_id 
_pdbx_nonpoly_scheme.mon_id 
_pdbx_nonpoly_scheme.ndb_seq_num 
_pdbx_nonpoly_scheme.pdb_seq_num 
_pdbx_nonpoly_scheme.auth_seq_num 
_pdbx_nonpoly_scheme.pdb_mon_id 
_pdbx_nonpoly_scheme.auth_mon_id 
_pdbx_nonpoly_scheme.pdb_strand_id 
_pdbx_nonpoly_scheme.pdb_ins_code 
D 3 HOH 1  1001 1001 HOH HOH A . 
D 3 HOH 2  1002 1002 HOH HOH A . 
D 3 HOH 3  1003 1003 HOH HOH A . 
D 3 HOH 4  1004 1004 HOH HOH A . 
D 3 HOH 5  1005 1005 HOH HOH A . 
D 3 HOH 6  1006 1006 HOH HOH A . 
D 3 HOH 7  1007 1007 HOH HOH A . 
D 3 HOH 8  1008 1008 HOH HOH A . 
D 3 HOH 9  1009 1009 HOH HOH A . 
D 3 HOH 10 1022 1022 HOH HOH A . 
D 3 HOH 11 1023 1023 HOH HOH A . 
D 3 HOH 12 1024 1024 HOH HOH A . 
D 3 HOH 13 1025 1025 HOH HOH A . 
D 3 HOH 14 1026 1026 HOH HOH A . 
D 3 HOH 15 1028 1028 HOH HOH A . 
D 3 HOH 16 1030 1030 HOH HOH A . 
D 3 HOH 17 1034 1034 HOH HOH A . 
D 3 HOH 18 1036 1036 HOH HOH A . 
D 3 HOH 19 1037 1037 HOH HOH A . 
E 3 HOH 1  1010 1010 HOH HOH B . 
E 3 HOH 2  1011 1011 HOH HOH B . 
E 3 HOH 3  1012 1012 HOH HOH B . 
E 3 HOH 4  1013 1013 HOH HOH B . 
E 3 HOH 5  1014 1014 HOH HOH B . 
E 3 HOH 6  1021 1021 HOH HOH B . 
E 3 HOH 7  1029 1029 HOH HOH B . 
E 3 HOH 8  1035 1035 HOH HOH B . 
F 3 HOH 1  1015 1015 HOH HOH C . 
F 3 HOH 2  1016 1016 HOH HOH C . 
F 3 HOH 3  1017 1017 HOH HOH C . 
F 3 HOH 4  1018 1018 HOH HOH C . 
F 3 HOH 5  1019 1019 HOH HOH C . 
F 3 HOH 6  1020 1020 HOH HOH C . 
F 3 HOH 7  1027 1027 HOH HOH C . 
F 3 HOH 8  1031 1031 HOH HOH C . 
F 3 HOH 9  1032 1032 HOH HOH C . 
# 
loop_
_software.name 
_software.classification 
_software.version 
_software.citation_id 
_software.pdbx_ordinal 
SHELXL-97 refinement       . ? 1 
DENZO     'data reduction' . ? 2 
SCALEPACK 'data scaling'   . ? 3 
# 
_cell.entry_id           1G9W 
_cell.length_a           26.887 
_cell.length_b           26.340 
_cell.length_c           20.288 
_cell.angle_alpha        90.00 
_cell.angle_beta         90.00 
_cell.angle_gamma        90.00 
_cell.Z_PDB              8 
_cell.pdbx_unique_axis   ? 
# 
_symmetry.entry_id                         1G9W 
_symmetry.space_group_name_H-M             'P 21 21 21' 
_symmetry.pdbx_full_space_group_name_H-M   ? 
_symmetry.cell_setting                     ? 
_symmetry.Int_Tables_number                19 
# 
_exptl.entry_id          1G9W 
_exptl.method            'X-RAY DIFFRACTION' 
_exptl.crystals_number   1 
# 
_exptl_crystal.id                    1 
_exptl_crystal.density_meas          ? 
_exptl_crystal.density_Matthews      1.97 
_exptl_crystal.density_percent_sol   37.43 
_exptl_crystal.description           ? 
# 
_exptl_crystal_grow.crystal_id      1 
_exptl_crystal_grow.method          DIALYSIS 
_exptl_crystal_grow.temp            293 
_exptl_crystal_grow.temp_details    ? 
_exptl_crystal_grow.pH              ? 
_exptl_crystal_grow.pdbx_details    'SODIUM ACETATE, ACETIC ACID, DIALYSIS, temperature 293K' 
_exptl_crystal_grow.pdbx_pH_range   ? 
# 
_diffrn.id                     1 
_diffrn.ambient_temp           293 
_diffrn.ambient_temp_details   ? 
_diffrn.crystal_id             1 
# 
_diffrn_detector.diffrn_id              1 
_diffrn_detector.detector               'IMAGE PLATE' 
_diffrn_detector.type                   MARRESEARCH 
_diffrn_detector.pdbx_collection_date   1998-12-01 
_diffrn_detector.details                ? 
# 
_diffrn_radiation.diffrn_id                        1 
_diffrn_radiation.wavelength_id                    1 
_diffrn_radiation.pdbx_monochromatic_or_laue_m_l   M 
_diffrn_radiation.monochromator                    ? 
_diffrn_radiation.pdbx_diffrn_protocol             'SINGLE WAVELENGTH' 
_diffrn_radiation.pdbx_scattering_type             x-ray 
# 
_diffrn_radiation_wavelength.id           1 
_diffrn_radiation_wavelength.wavelength   1.004 
_diffrn_radiation_wavelength.wt           1.0 
# 
_diffrn_source.diffrn_id                   1 
_diffrn_source.source                      SYNCHROTRON 
_diffrn_source.type                        'ELETTRA BEAMLINE 5.2R' 
_diffrn_source.pdbx_synchrotron_site       ELETTRA 
_diffrn_source.pdbx_synchrotron_beamline   5.2R 
_diffrn_source.pdbx_wavelength             1.004 
_diffrn_source.pdbx_wavelength_list        ? 
# 
_reflns.entry_id                     1G9W 
_reflns.observed_criterion_sigma_I   ? 
_reflns.observed_criterion_sigma_F   ? 
_reflns.d_resolution_low             15 
_reflns.d_resolution_high            1.3 
_reflns.number_obs                   3448 
_reflns.number_all                   ? 
_reflns.percent_possible_obs         89.0 
_reflns.pdbx_Rmerge_I_obs            0.0420000 
_reflns.pdbx_Rsym_value              ? 
_reflns.pdbx_netI_over_sigmaI        ? 
_reflns.B_iso_Wilson_estimate        ? 
_reflns.pdbx_redundancy              4.8 
_reflns.R_free_details               ? 
_reflns.limit_h_max                  ? 
_reflns.limit_h_min                  ? 
_reflns.limit_k_max                  ? 
_reflns.limit_k_min                  ? 
_reflns.limit_l_max                  ? 
_reflns.limit_l_min                  ? 
_reflns.observed_criterion_F_max     ? 
_reflns.observed_criterion_F_min     ? 
_reflns.pdbx_diffrn_id               1 
_reflns.pdbx_ordinal                 1 
# 
_reflns_shell.d_res_high             1.3 
_reflns_shell.d_res_low              1.33 
_reflns_shell.percent_possible_all   66.4 
_reflns_shell.Rmerge_I_obs           0.0930000 
_reflns_shell.pdbx_Rsym_value        ? 
_reflns_shell.meanI_over_sigI_obs    ? 
_reflns_shell.pdbx_redundancy        ? 
_reflns_shell.percent_possible_obs   ? 
_reflns_shell.number_unique_all      ? 
_reflns_shell.pdbx_diffrn_id         ? 
_reflns_shell.pdbx_ordinal           1 
# 
_refine.entry_id                                 1G9W 
_refine.ls_number_reflns_obs                     ? 
_refine.ls_number_reflns_all                     320 
_refine.pdbx_ls_sigma_I                          0 
_refine.pdbx_ls_sigma_F                          ? 
_refine.pdbx_data_cutoff_high_absF               ? 
_refine.pdbx_data_cutoff_low_absF                ? 
_refine.ls_d_res_low                             10.00 
_refine.ls_d_res_high                            1.30 
_refine.ls_percent_reflns_obs                    89.0 
_refine.ls_R_factor_obs                          0.1470000 
_refine.ls_R_factor_all                          ? 
_refine.ls_R_factor_R_work                       ? 
_refine.ls_R_factor_R_free                       0.1940000 
_refine.ls_R_factor_R_free_error                 ? 
_refine.ls_R_factor_R_free_error_details         ? 
_refine.ls_percent_reflns_R_free                 20 
_refine.ls_number_reflns_R_free                  ? 
_refine.ls_number_parameters                     147 
_refine.ls_number_restraints                     179 
_refine.occupancy_min                            ? 
_refine.occupancy_max                            ? 
_refine.B_iso_mean                               ? 
_refine.aniso_B[1][1]                            ? 
_refine.aniso_B[2][2]                            ? 
_refine.aniso_B[3][3]                            ? 
_refine.aniso_B[1][2]                            ? 
_refine.aniso_B[1][3]                            ? 
_refine.aniso_B[2][3]                            ? 
_refine.solvent_model_details                    ? 
_refine.solvent_model_param_ksol                 ? 
_refine.solvent_model_param_bsol                 ? 
_refine.pdbx_ls_cross_valid_method               THROUGHOUT 
_refine.details                                  
;DUE TO THE QUASI-INFINITE NATURE OF THE TRIPLE HELIX, DURING REFINEMENT COVALENT BONDS ARE NECESSARY TO JOIN THE MOLECULE WITH ITS SYMMETRY MATES BOTH ABOVE IT AND BELOW IT ALONG THE HELICAL AXIS AND TIGHT REFINEMENT CONSTRAINTS WERE MAINTAINED.

THE UNIT CELL AXES WERE CHOSEN TO COINCIDE WITH A
PREVIOUS STRUCTURE DETERMINATION (OKUYAMA 1981) OF THIS
PEPTIDE.
;
_refine.pdbx_starting_model                      PDB1A3J.ENT 
_refine.pdbx_method_to_determine_struct          ? 
_refine.pdbx_isotropic_thermal_model             ? 
_refine.pdbx_stereochemistry_target_values       'ENGH AND HUBER' 
_refine.pdbx_stereochem_target_val_spec_case     ? 
_refine.pdbx_R_Free_selection_details            RANDOM 
_refine.pdbx_overall_ESU_R_Free                  ? 
_refine.overall_SU_B                             ? 
_refine.ls_redundancy_reflns_obs                 ? 
_refine.B_iso_min                                ? 
_refine.B_iso_max                                ? 
_refine.overall_SU_ML                            ? 
_refine.pdbx_overall_ESU_R                       ? 
_refine.pdbx_data_cutoff_high_rms_absF           ? 
_refine.correlation_coeff_Fo_to_Fc               ? 
_refine.correlation_coeff_Fo_to_Fc_free          ? 
_refine.overall_SU_R_Cruickshank_DPI             ? 
_refine.overall_SU_R_free                        ? 
_refine.pdbx_refine_id                           'X-RAY DIFFRACTION' 
_refine.pdbx_diffrn_id                           1 
_refine.pdbx_TLS_residual_ADP_flag               ? 
_refine.pdbx_solvent_vdw_probe_radii             ? 
_refine.pdbx_solvent_ion_probe_radii             ? 
_refine.pdbx_solvent_shrinkage_radii             ? 
_refine.pdbx_overall_phase_error                 ? 
_refine.pdbx_overall_SU_R_free_Cruickshank_DPI   ? 
_refine.pdbx_overall_SU_R_Blow_DPI               ? 
_refine.pdbx_overall_SU_R_free_Blow_DPI          ? 
# 
_refine_analyze.entry_id                        1G9W 
_refine_analyze.Luzzati_coordinate_error_obs    ? 
_refine_analyze.Luzzati_sigma_a_obs             ? 
_refine_analyze.Luzzati_d_res_low_obs           ? 
_refine_analyze.Luzzati_coordinate_error_free   ? 
_refine_analyze.Luzzati_sigma_a_free            ? 
_refine_analyze.Luzzati_d_res_low_free          ? 
_refine_analyze.number_disordered_residues      ? 
_refine_analyze.occupancy_sum_hydrogen          ? 
_refine_analyze.occupancy_sum_non_hydrogen      162. 
_refine_analyze.pdbx_Luzzati_d_res_high_obs     ? 
_refine_analyze.pdbx_refine_id                  'X-RAY DIFFRACTION' 
# 
_refine_hist.pdbx_refine_id                   'X-RAY DIFFRACTION' 
_refine_hist.cycle_id                         LAST 
_refine_hist.pdbx_number_atoms_protein        126 
_refine_hist.pdbx_number_atoms_nucleic_acid   0 
_refine_hist.pdbx_number_atoms_ligand         0 
_refine_hist.number_atoms_solvent             36 
_refine_hist.number_atoms_total               162 
_refine_hist.d_res_high                       1.30 
_refine_hist.d_res_low                        10.00 
# 
loop_
_refine_ls_restr.type 
_refine_ls_restr.dev_ideal 
_refine_ls_restr.dev_ideal_target 
_refine_ls_restr.weight 
_refine_ls_restr.number 
_refine_ls_restr.pdbx_refine_id 
_refine_ls_restr.pdbx_restraint_function 
c_bond_d  0.015 ? ? ? 'X-RAY DIFFRACTION' ? 
c_angle_d 0.026 ? ? ? 'X-RAY DIFFRACTION' ? 
# 
_pdbx_refine.entry_id                                    1G9W 
_pdbx_refine.R_factor_all_no_cutoff                      ? 
_pdbx_refine.R_factor_obs_no_cutoff                      0.1470000 
_pdbx_refine.free_R_factor_no_cutoff                     0.1940000 
_pdbx_refine.free_R_val_test_set_size_perc_no_cutoff     20 
_pdbx_refine.free_R_val_test_set_ct_no_cutoff            ? 
_pdbx_refine.R_factor_all_4sig_cutoff                    ? 
_pdbx_refine.R_factor_obs_4sig_cutoff                    0.1460000 
_pdbx_refine.free_R_factor_4sig_cutoff                   0.1900000 
_pdbx_refine.free_R_val_test_set_size_perc_4sig_cutoff   ? 
_pdbx_refine.free_R_val_test_set_ct_4sig_cutoff          20 
_pdbx_refine.number_reflns_obs_4sig_cutoff               309 
_pdbx_refine.number_reflns_obs_no_cutoff                 ? 
_pdbx_refine.pdbx_refine_id                              'X-RAY DIFFRACTION' 
_pdbx_refine.free_R_error_no_cutoff                      ? 
# 
_struct.entry_id                  1G9W 
_struct.title                     'STRUCTURAL BASIS OF COLLAGEN STABILIZATION INDUCED BY PROLINE HYDROXYLATION' 
_struct.pdbx_model_details        ? 
_struct.pdbx_CASP_flag            ? 
_struct.pdbx_model_type_details   ? 
# 
_struct_keywords.entry_id        1G9W 
_struct_keywords.pdbx_keywords   'STRUCTURAL PROTEIN' 
_struct_keywords.text            'COLLAGEN, EXTRACELLULAR MATRIX, STRUCTURAL PROTEIN' 
# 
loop_
_struct_asym.id 
_struct_asym.pdbx_blank_PDB_chainid_flag 
_struct_asym.pdbx_modified 
_struct_asym.entity_id 
_struct_asym.details 
A N N 1 ? 
B N N 2 ? 
C N N 2 ? 
D N N 3 ? 
E N N 3 ? 
F N N 3 ? 
# 
loop_
_struct_ref.id 
_struct_ref.entity_id 
_struct_ref.db_name 
_struct_ref.db_code 
_struct_ref.pdbx_db_accession 
_struct_ref.pdbx_db_isoform 
_struct_ref.pdbx_seq_one_letter_code 
_struct_ref.pdbx_align_begin 
1 1 PDB 1G9W 1G9W ? ? ? 
2 2 PDB 1G9W 1G9W ? ? ? 
# 
loop_
_struct_ref_seq.align_id 
_struct_ref_seq.ref_id 
_struct_ref_seq.pdbx_PDB_id_code 
_struct_ref_seq.pdbx_strand_id 
_struct_ref_seq.seq_align_beg 
_struct_ref_seq.pdbx_seq_align_beg_ins_code 
_struct_ref_seq.seq_align_end 
_struct_ref_seq.pdbx_seq_align_end_ins_code 
_struct_ref_seq.pdbx_db_accession 
_struct_ref_seq.db_align_beg 
_struct_ref_seq.pdbx_db_align_beg_ins_code 
_struct_ref_seq.db_align_end 
_struct_ref_seq.pdbx_db_align_end_ins_code 
_struct_ref_seq.pdbx_auth_seq_align_beg 
_struct_ref_seq.pdbx_auth_seq_align_end 
1 1 1G9W A 1 ? 9 ? 1G9W 1  ? 9  ? 1  9  
2 2 1G9W B 1 ? 6 ? 1G9W 31 ? 36 ? 31 36 
3 2 1G9W C 1 ? 6 ? 1G9W 61 ? 66 ? 61 66 
# 
_pdbx_struct_assembly.id                   1 
_pdbx_struct_assembly.details              author_and_software_defined_assembly 
_pdbx_struct_assembly.method_details       PISA 
_pdbx_struct_assembly.oligomeric_details   trimeric 
_pdbx_struct_assembly.oligomeric_count     3 
# 
loop_
_pdbx_struct_assembly_prop.biol_id 
_pdbx_struct_assembly_prop.type 
_pdbx_struct_assembly_prop.value 
_pdbx_struct_assembly_prop.details 
1 'ABSA (A^2)' 1020 ? 
1 MORE         -7   ? 
1 'SSA (A^2)'  1540 ? 
# 
_pdbx_struct_assembly_gen.assembly_id       1 
_pdbx_struct_assembly_gen.oper_expression   1 
_pdbx_struct_assembly_gen.asym_id_list      A,B,C,D,E,F 
# 
_pdbx_struct_oper_list.id                   1 
_pdbx_struct_oper_list.type                 'identity operation' 
_pdbx_struct_oper_list.name                 1_555 
_pdbx_struct_oper_list.symmetry_operation   x,y,z 
_pdbx_struct_oper_list.matrix[1][1]         1.0000000000 
_pdbx_struct_oper_list.matrix[1][2]         0.0000000000 
_pdbx_struct_oper_list.matrix[1][3]         0.0000000000 
_pdbx_struct_oper_list.vector[1]            0.0000000000 
_pdbx_struct_oper_list.matrix[2][1]         0.0000000000 
_pdbx_struct_oper_list.matrix[2][2]         1.0000000000 
_pdbx_struct_oper_list.matrix[2][3]         0.0000000000 
_pdbx_struct_oper_list.vector[2]            0.0000000000 
_pdbx_struct_oper_list.matrix[3][1]         0.0000000000 
_pdbx_struct_oper_list.matrix[3][2]         0.0000000000 
_pdbx_struct_oper_list.matrix[3][3]         1.0000000000 
_pdbx_struct_oper_list.vector[3]            0.0000000000 
# 
_struct_biol.id                    1 
_struct_biol.pdbx_parent_biol_id   ? 
_struct_biol.details               
;THE 21 RESIDUE ASYMMETRIC UNIT CORRESPONDS TO ONE
TRIPLE-HELICAL REPEAT AND IS SMALLER THAN THE ENTIRE 90
RESIDUE PEPTIDE.
THE RESULT IS A POLYMER-LIKE STRUCTURE WITH
NO DEFINED ENDS.

THE POLYMER STRUCTURE IS FORMED BY CONTINUATION OF THE
CHAINS USING THE SYMMETRY-RELATED MOLECULES ALONG THE
HELICAL AXIS.  THE TVECT RECORD BELOW PRESENTS THE
TRANSLATION THAT WILL GENERATE THE POLYMER.  NOTE:
THEREFORE, CLOSE CONTACTS BETWEEN SYMMETRY-RELATED
MOLECULES ARE INTENTIONAL AND NECESSARY.  INTERCHAIN
HYDROGEN BONDING AT THE END OF CHAINS ALSO UTILIZES
SYMMETRY-RELATED MOLECULES.

THE ENTIRE 30 RESIDUE LONG PEPTIDE CAN BE GENERATED FROM
THE SUBMITTED ASYMMETRIC UNIT BY APPLYING THE FOLLOWING
TRANSLATIONS (USING FRACTIONAL COORDINATES):
CHAIN A: TRANSLATE RESIDUES 1 - 9 BY (0 0 1), (0 0 2), AND
         (0 0 3) AND RESIDUES 7 - 9 BY (0 0 4).
CHAIN B: TRANSLATE RESIDUES 31 - 36 BY (0 0 1), (0 0 2),
         AND (0 0 3).
CHAIN C: TRANSLATE RESIDUES 61 - 66 BY (0 0 1), (0 0 2),
         AND (0 0 3) AND RESIDUES 64 - 66 BY (004).
THIS WILL RESULT IN A MOLECULE WITH A TOTAL OF 90 RESIDUES,
         30 IN EACH CHAIN.
;
# 
loop_
_pdbx_validate_symm_contact.id 
_pdbx_validate_symm_contact.PDB_model_num 
_pdbx_validate_symm_contact.auth_atom_id_1 
_pdbx_validate_symm_contact.auth_asym_id_1 
_pdbx_validate_symm_contact.auth_comp_id_1 
_pdbx_validate_symm_contact.auth_seq_id_1 
_pdbx_validate_symm_contact.PDB_ins_code_1 
_pdbx_validate_symm_contact.label_alt_id_1 
_pdbx_validate_symm_contact.site_symmetry_1 
_pdbx_validate_symm_contact.auth_atom_id_2 
_pdbx_validate_symm_contact.auth_asym_id_2 
_pdbx_validate_symm_contact.auth_comp_id_2 
_pdbx_validate_symm_contact.auth_seq_id_2 
_pdbx_validate_symm_contact.PDB_ins_code_2 
_pdbx_validate_symm_contact.label_alt_id_2 
_pdbx_validate_symm_contact.site_symmetry_2 
_pdbx_validate_symm_contact.dist 
1 1 N A PRO 1  ? ? 1_555 C B GLY 36 ? ? 1_556 1.30 
2 1 N B PRO 31 ? ? 1_555 C C GLY 66 ? ? 1_556 1.34 
3 1 C A GLY 9  ? ? 1_555 N C PRO 61 ? ? 1_554 1.34 
# 
_pdbx_entry_details.entry_id                 1G9W 
_pdbx_entry_details.compound_details         
;HYDROGEN BONDS BETWEEN PEPTIDE CHAINS FOLLOW THE RICH AND
CRICK MODEL II FOR COLLAGEN.
;
_pdbx_entry_details.source_details           ? 
_pdbx_entry_details.nonpolymer_details       ? 
_pdbx_entry_details.sequence_details         
;FOR EACH CHAIN, RESIDUE NUMBERING CORRESPONDS TO THE ENTIRE
MOLECULE RATHER THAN THE SHORTER ASYMMETRIC UNIT.
;
_pdbx_entry_details.has_ligand_of_interest   ? 
# 
loop_
_chem_comp_atom.comp_id 
_chem_comp_atom.atom_id 
_chem_comp_atom.type_symbol 
_chem_comp_atom.pdbx_aromatic_flag 
_chem_comp_atom.pdbx_stereo_config 
_chem_comp_atom.pdbx_ordinal 
GLY N   N N N 1  
GLY CA  C N N 2  
GLY C   C N N 3  
GLY O   O N N 4  
GLY OXT O N N 5  
GLY H   H N N 6  
GLY H2  H N N 7  
GLY HA2 H N N 8  
GLY HA3 H N N 9  
GLY HXT H N N 10 
HOH O   O N N 11 
HOH H1  H N N 12 
HOH H2  H N N 13 
PRO N   N N N 14 
PRO CA  C N S 15 
PRO C   C N N 16 
PRO O   O N N 17 
PRO CB  C N N 18 
PRO CG  C N N 19 
PRO CD  C N N 20 
PRO OXT O N N 21 
PRO H   H N N 22 
PRO HA  H N N 23 
PRO HB2 H N N 24 
PRO HB3 H N N 25 
PRO HG2 H N N 26 
PRO HG3 H N N 27 
PRO HD2 H N N 28 
PRO HD3 H N N 29 
PRO HXT H N N 30 
# 
loop_
_chem_comp_bond.comp_id 
_chem_comp_bond.atom_id_1 
_chem_comp_bond.atom_id_2 
_chem_comp_bond.value_order 
_chem_comp_bond.pdbx_aromatic_flag 
_chem_comp_bond.pdbx_stereo_config 
_chem_comp_bond.pdbx_ordinal 
GLY N   CA  sing N N 1  
GLY N   H   sing N N 2  
GLY N   H2  sing N N 3  
GLY CA  C   sing N N 4  
GLY CA  HA2 sing N N 5  
GLY CA  HA3 sing N N 6  
GLY C   O   doub N N 7  
GLY C   OXT sing N N 8  
GLY OXT HXT sing N N 9  
HOH O   H1  sing N N 10 
HOH O   H2  sing N N 11 
PRO N   CA  sing N N 12 
PRO N   CD  sing N N 13 
PRO N   H   sing N N 14 
PRO CA  C   sing N N 15 
PRO CA  CB  sing N N 16 
PRO CA  HA  sing N N 17 
PRO C   O   doub N N 18 
PRO C   OXT sing N N 19 
PRO CB  CG  sing N N 20 
PRO CB  HB2 sing N N 21 
PRO CB  HB3 sing N N 22 
PRO CG  CD  sing N N 23 
PRO CG  HG2 sing N N 24 
PRO CG  HG3 sing N N 25 
PRO CD  HD2 sing N N 26 
PRO CD  HD3 sing N N 27 
PRO OXT HXT sing N N 28 
# 
_pdbx_initial_refinement_model.accession_code   1A3J 
_pdbx_initial_refinement_model.id               1 
_pdbx_initial_refinement_model.entity_id_list   ? 
_pdbx_initial_refinement_model.type             'experimental model' 
_pdbx_initial_refinement_model.source_name      PDB 
_pdbx_initial_refinement_model.details          ? 
# 
_atom_sites.entry_id                    1G9W 
_atom_sites.fract_transf_matrix[1][1]   0.02577597 
_atom_sites.fract_transf_matrix[1][2]   0.02586900 
_atom_sites.fract_transf_matrix[1][3]   -0.00705080 
_atom_sites.fract_transf_matrix[2][1]   -0.02301740 
_atom_sites.fract_transf_matrix[2][2]   0.01594721 
_atom_sites.fract_transf_matrix[2][3]   -0.02563644 
_atom_sites.fract_transf_matrix[3][1]   -0.01922505 
_atom_sites.fract_transf_matrix[3][2]   0.02873189 
_atom_sites.fract_transf_matrix[3][3]   0.03513374 
_atom_sites.fract_transf_vector[1]      0.430300 
_atom_sites.fract_transf_vector[2]      0.819285 
_atom_sites.fract_transf_vector[3]      0.430734 
# 
loop_
_atom_type.symbol 
C 
N 
O 
# 
loop_
_atom_site.group_PDB 
_atom_site.id 
_atom_site.type_symbol 
_atom_site.label_atom_id 
_atom_site.label_alt_id 
_atom_site.label_comp_id 
_atom_site.label_asym_id 
_atom_site.label_entity_id 
_atom_site.label_seq_id 
_atom_site.pdbx_PDB_ins_code 
_atom_site.Cartn_x 
_atom_site.Cartn_y 
_atom_site.Cartn_z 
_atom_site.occupancy 
_atom_site.B_iso_or_equiv 
_atom_site.pdbx_formal_charge 
_atom_site.auth_seq_id 
_atom_site.auth_comp_id 
_atom_site.auth_asym_id 
_atom_site.auth_atom_id 
_atom_site.pdbx_PDB_model_num 
ATOM   1   N N  . PRO A 1 1 ? -7.179 5.116  10.019  1.00 18.71 ? 1    PRO A N  1 
ATOM   2   C CA . PRO A 1 1 ? -6.834 3.749  9.643   1.00 17.80 ? 1    PRO A CA 1 
ATOM   3   C C  . PRO A 1 1 ? -5.662 3.706  8.633   1.00 16.97 ? 1    PRO A C  1 
ATOM   4   O O  . PRO A 1 1 ? -5.396 4.680  7.958   1.00 16.57 ? 1    PRO A O  1 
ATOM   5   C CB . PRO A 1 1 ? -8.141 3.279  8.989   1.00 21.11 ? 1    PRO A CB 1 
ATOM   6   C CG . PRO A 1 1 ? -8.766 4.526  8.426   1.00 22.52 ? 1    PRO A CG 1 
ATOM   7   C CD . PRO A 1 1 ? -8.446 5.585  9.455   1.00 19.86 ? 1    PRO A CD 1 
ATOM   8   N N  . PRO A 1 2 ? -5.033 2.555  8.494   1.00 18.37 ? 2    PRO A N  1 
ATOM   9   C CA . PRO A 1 2 ? -3.992 2.394  7.463   1.00 17.13 ? 2    PRO A CA 1 
ATOM   10  C C  . PRO A 1 2 ? -4.561 2.549  6.084   1.00 16.10 ? 2    PRO A C  1 
ATOM   11  O O  . PRO A 1 2 ? -5.781 2.295  5.819   1.00 18.27 ? 2    PRO A O  1 
ATOM   12  C CB . PRO A 1 2 ? -3.505 0.953  7.624   1.00 20.69 ? 2    PRO A CB 1 
ATOM   13  C CG . PRO A 1 2 ? -4.088 0.480  8.900   1.00 28.33 ? 2    PRO A CG 1 
ATOM   14  C CD . PRO A 1 2 ? -5.288 1.319  9.274   1.00 25.39 ? 2    PRO A CD 1 
ATOM   15  N N  . GLY A 1 3 ? -3.697 2.949  5.136   1.00 16.80 ? 3    GLY A N  1 
ATOM   16  C CA . GLY A 1 3 ? -4.113 3.019  3.721   1.00 16.05 ? 3    GLY A CA 1 
ATOM   17  C C  . GLY A 1 3 ? -4.308 1.653  3.072   1.00 14.49 ? 3    GLY A C  1 
ATOM   18  O O  . GLY A 1 3 ? -3.984 0.673  3.673   1.00 16.22 ? 3    GLY A O  1 
ATOM   19  N N  . PRO A 1 4 ? -4.783 1.663  1.843   1.00 16.87 ? 4    PRO A N  1 
ATOM   20  C CA . PRO A 1 4 ? -4.971 0.374  1.159   1.00 18.25 ? 4    PRO A CA 1 
ATOM   21  C C  . PRO A 1 4 ? -3.645 -0.171 0.626   1.00 17.03 ? 4    PRO A C  1 
ATOM   22  O O  . PRO A 1 4 ? -2.652 0.547  0.612   1.00 15.77 ? 4    PRO A O  1 
ATOM   23  C CB . PRO A 1 4 ? -5.914 0.767  0.019   1.00 21.92 ? 4    PRO A CB 1 
ATOM   24  C CG . PRO A 1 4 ? -5.505 2.160  -0.316  1.00 22.97 ? 4    PRO A CG 1 
ATOM   25  C CD . PRO A 1 4 ? -5.195 2.803  1.000   1.00 19.69 ? 4    PRO A CD 1 
ATOM   26  N N  . PRO A 1 5 ? -3.613 -1.423 0.173   1.00 18.23 ? 5    PRO A N  1 
ATOM   27  C CA . PRO A 1 5 ? -2.389 -1.967 -0.449  1.00 18.51 ? 5    PRO A CA 1 
ATOM   28  C C  . PRO A 1 5 ? -1.920 -1.196 -1.660  1.00 17.10 ? 5    PRO A C  1 
ATOM   29  O O  . PRO A 1 5 ? -2.709 -0.586 -2.412  1.00 19.19 ? 5    PRO A O  1 
ATOM   30  C CB . PRO A 1 5 ? -2.776 -3.380 -0.848  1.00 20.59 ? 5    PRO A CB 1 
ATOM   31  C CG . PRO A 1 5 ? -3.999 -3.730 -0.021  1.00 24.10 ? 5    PRO A CG 1 
ATOM   32  C CD . PRO A 1 5 ? -4.708 -2.419 0.200   1.00 22.86 ? 5    PRO A CD 1 
ATOM   33  N N  . GLY A 1 6 ? -0.624 -1.249 -1.923  1.00 16.57 ? 6    GLY A N  1 
ATOM   34  C CA . GLY A 1 6 ? -0.054 -0.616 -3.117  1.00 17.42 ? 6    GLY A CA 1 
ATOM   35  C C  . GLY A 1 6 ? -0.395 -1.402 -4.365  1.00 15.90 ? 6    GLY A C  1 
ATOM   36  O O  . GLY A 1 6 ? -1.026 -2.440 -4.324  1.00 17.63 ? 6    GLY A O  1 
ATOM   37  N N  . PRO A 1 7 ? 0.051  -0.883 -5.494  1.00 17.39 ? 7    PRO A N  1 
ATOM   38  C CA . PRO A 1 7 ? -0.201 -1.527 -6.781  1.00 19.46 ? 7    PRO A CA 1 
ATOM   39  C C  . PRO A 1 7 ? 0.674  -2.758 -6.986  1.00 15.98 ? 7    PRO A C  1 
ATOM   40  O O  . PRO A 1 7 ? 1.670  -2.923 -6.311  1.00 16.43 ? 7    PRO A O  1 
ATOM   41  C CB . PRO A 1 7 ? 0.174  -0.435 -7.780  1.00 22.14 ? 7    PRO A CB 1 
ATOM   42  C CG . PRO A 1 7 ? 1.117  0.406  -7.032  1.00 24.26 ? 7    PRO A CG 1 
ATOM   43  C CD . PRO A 1 7 ? 0.779  0.374  -5.582  1.00 19.13 ? 7    PRO A CD 1 
ATOM   44  N N  . PRO A 1 8 ? 0.272  -3.601 -7.958  1.00 16.91 ? 8    PRO A N  1 
ATOM   45  C CA . PRO A 1 8 ? 1.123  -4.768 -8.306  1.00 17.32 ? 8    PRO A CA 1 
ATOM   46  C C  . PRO A 1 8 ? 2.491  -4.337 -8.743  1.00 14.63 ? 8    PRO A C  1 
ATOM   47  O O  . PRO A 1 8 ? 2.729  -3.294 -9.307  1.00 16.81 ? 8    PRO A O  1 
ATOM   48  C CB . PRO A 1 8 ? 0.326  -5.380 -9.456  1.00 19.41 ? 8    PRO A CB 1 
ATOM   49  C CG . PRO A 1 8 ? -1.084 -4.959 -9.198  1.00 24.05 ? 8    PRO A CG 1 
ATOM   50  C CD . PRO A 1 8 ? -0.947 -3.518 -8.755  1.00 20.84 ? 8    PRO A CD 1 
ATOM   51  N N  . GLY A 1 9 ? 3.463  -5.241 -8.482  1.00 15.07 ? 9    GLY A N  1 
ATOM   52  C CA . GLY A 1 9 ? 4.798  -5.045 -9.039  1.00 15.85 ? 9    GLY A CA 1 
ATOM   53  C C  . GLY A 1 9 ? 4.870  -5.232 -10.556 1.00 14.54 ? 9    GLY A C  1 
ATOM   54  O O  . GLY A 1 9 ? 3.897  -5.614 -11.182 1.00 15.49 ? 9    GLY A O  1 
ATOM   55  N N  . PRO B 2 1 ? -1.257 5.231  9.022   1.00 16.68 ? 31   PRO B N  1 
ATOM   56  C CA . PRO B 2 1 ? 0.004  4.859  8.366   1.00 17.57 ? 31   PRO B CA 1 
ATOM   57  C C  . PRO B 2 1 ? -0.209 4.409  6.924   1.00 16.72 ? 31   PRO B C  1 
ATOM   58  O O  . PRO B 2 1 ? -1.319 4.092  6.524   1.00 16.51 ? 31   PRO B O  1 
ATOM   59  C CB . PRO B 2 1 ? 0.563  3.698  9.196   1.00 21.41 ? 31   PRO B CB 1 
ATOM   60  C CG . PRO B 2 1 ? -0.690 3.123  9.781   1.00 21.64 ? 31   PRO B CG 1 
ATOM   61  C CD . PRO B 2 1 ? -1.762 4.196  9.932   1.00 19.40 ? 31   PRO B CD 1 
ATOM   62  N N  . PRO B 2 2 ? 0.871  4.355  6.172   1.00 15.89 ? 32   PRO B N  1 
ATOM   63  C CA . PRO B 2 2 ? 0.794  3.787  4.804   1.00 16.89 ? 32   PRO B CA 1 
ATOM   64  C C  . PRO B 2 2 ? 0.282  2.363  4.831   1.00 16.06 ? 32   PRO B C  1 
ATOM   65  O O  . PRO B 2 2 ? 0.506  1.599  5.761   1.00 17.79 ? 32   PRO B O  1 
ATOM   66  C CB . PRO B 2 2 ? 2.232  3.882  4.283   1.00 19.51 ? 32   PRO B CB 1 
ATOM   67  C CG . PRO B 2 2 ? 2.843  4.977  5.156   1.00 21.69 ? 32   PRO B CG 1 
ATOM   68  C CD . PRO B 2 2 ? 2.238  4.780  6.548   1.00 20.05 ? 32   PRO B CD 1 
ATOM   69  N N  . GLY B 2 3 ? -0.382 1.955  3.765   1.00 16.64 ? 33   GLY B N  1 
ATOM   70  C CA . GLY B 2 3 ? -0.810 0.614  3.574   1.00 17.89 ? 33   GLY B CA 1 
ATOM   71  C C  . GLY B 2 3 ? 0.306  -0.377 3.309   1.00 15.93 ? 33   GLY B C  1 
ATOM   72  O O  . GLY B 2 3 ? 1.484  -0.008 3.125   1.00 17.65 ? 33   GLY B O  1 
ATOM   73  N N  . PRO B 2 4 ? -0.043 -1.640 3.199   1.00 17.20 ? 34   PRO B N  1 
ATOM   74  C CA . PRO B 2 4 ? 0.943  -2.658 2.887   1.00 18.68 ? 34   PRO B CA 1 
ATOM   75  C C  . PRO B 2 4 ? 1.396  -2.662 1.432   1.00 16.81 ? 34   PRO B C  1 
ATOM   76  O O  . PRO B 2 4 ? 0.731  -2.097 0.571   1.00 16.30 ? 34   PRO B O  1 
ATOM   77  C CB . PRO B 2 4 ? 0.163  -3.954 3.176   1.00 23.76 ? 34   PRO B CB 1 
ATOM   78  C CG . PRO B 2 4 ? -1.254 -3.605 2.978   1.00 25.70 ? 34   PRO B CG 1 
ATOM   79  C CD . PRO B 2 4 ? -1.396 -2.143 3.301   1.00 20.46 ? 34   PRO B CD 1 
ATOM   80  N N  . PRO B 2 5 ? 2.557  -3.313 1.137   1.00 18.54 ? 35   PRO B N  1 
ATOM   81  C CA . PRO B 2 5 ? 2.959  -3.454 -0.276  1.00 18.13 ? 35   PRO B CA 1 
ATOM   82  C C  . PRO B 2 5 ? 1.921  -4.199 -1.111  1.00 15.42 ? 35   PRO B C  1 
ATOM   83  O O  . PRO B 2 5 ? 1.150  -5.019 -0.646  1.00 19.17 ? 35   PRO B O  1 
ATOM   84  C CB . PRO B 2 5 ? 4.231  -4.301 -0.204  1.00 26.12 ? 35   PRO B CB 1 
ATOM   85  C CG . PRO B 2 5 ? 4.746  -4.116 1.216   1.00 28.49 ? 35   PRO B CG 1 
ATOM   86  C CD . PRO B 2 5 ? 3.495  -3.941 2.051   1.00 26.42 ? 35   PRO B CD 1 
ATOM   87  N N  . GLY B 2 6 ? 1.900  -3.871 -2.399  1.00 16.72 ? 36   GLY B N  1 
ATOM   88  C CA . GLY B 2 6 ? 1.068  -4.581 -3.358  1.00 16.40 ? 36   GLY B CA 1 
ATOM   89  C C  . GLY B 2 6 ? 1.487  -5.997 -3.657  1.00 15.87 ? 36   GLY B C  1 
ATOM   90  O O  . GLY B 2 6 ? 2.560  -6.435 -3.175  1.00 17.07 ? 36   GLY B O  1 
ATOM   91  N N  . PRO C 2 1 ? -1.862 6.913  3.354   1.00 16.64 ? 61   PRO C N  1 
ATOM   92  C CA . PRO C 2 1 ? -1.667 6.735  1.902   1.00 16.80 ? 61   PRO C CA 1 
ATOM   93  C C  . PRO C 2 1 ? -1.601 5.258  1.493   1.00 16.38 ? 61   PRO C C  1 
ATOM   94  O O  . PRO C 2 1 ? -1.328 4.373  2.309   1.00 16.24 ? 61   PRO C O  1 
ATOM   95  C CB . PRO C 2 1 ? -0.325 7.435  1.691   1.00 23.09 ? 61   PRO C CB 1 
ATOM   96  C CG . PRO C 2 1 ? 0.358  7.320  3.009   1.00 25.45 ? 61   PRO C CG 1 
ATOM   97  C CD . PRO C 2 1 ? -0.688 7.443  4.063   1.00 20.74 ? 61   PRO C CD 1 
ATOM   98  N N  . PRO C 2 2 ? -1.785 4.955  0.192   1.00 18.49 ? 62   PRO C N  1 
ATOM   99  C CA . PRO C 2 2 ? -1.542 3.566  -0.283  1.00 19.09 ? 62   PRO C CA 1 
ATOM   100 C C  . PRO C 2 2 ? -0.109 3.136  -0.023  1.00 16.40 ? 62   PRO C C  1 
ATOM   101 O O  . PRO C 2 2 ? 0.797  3.918  0.048   1.00 19.42 ? 62   PRO C O  1 
ATOM   102 C CB . PRO C 2 2 ? -1.850 3.608  -1.789  1.00 22.42 ? 62   PRO C CB 1 
ATOM   103 C CG . PRO C 2 2 ? -2.539 4.888  -1.975  1.00 26.93 ? 62   PRO C CG 1 
ATOM   104 C CD . PRO C 2 2 ? -2.215 5.831  -0.866  1.00 23.08 ? 62   PRO C CD 1 
ATOM   105 N N  . GLY C 2 3 ? 0.035  1.814  0.103   1.00 16.48 ? 63   GLY C N  1 
ATOM   106 C CA . GLY C 2 3 ? 1.330  1.209  0.278   1.00 18.06 ? 63   GLY C CA 1 
ATOM   107 C C  . GLY C 2 3 ? 2.213  1.260  -0.962  1.00 17.59 ? 63   GLY C C  1 
ATOM   108 O O  . GLY C 2 3 ? 1.771  1.706  -2.005  1.00 18.58 ? 63   GLY C O  1 
ATOM   109 N N  . PRO C 2 4 ? 3.429  0.773  -0.836  1.00 19.18 ? 64   PRO C N  1 
ATOM   110 C CA . PRO C 2 4 ? 4.369  0.736  -1.963  1.00 21.11 ? 64   PRO C CA 1 
ATOM   111 C C  . PRO C 2 4 ? 4.016  -0.376 -2.953  1.00 18.55 ? 64   PRO C C  1 
ATOM   112 O O  . PRO C 2 4 ? 3.265  -1.300 -2.670  1.00 17.17 ? 64   PRO C O  1 
ATOM   113 C CB . PRO C 2 4 ? 5.668  0.425  -1.240  1.00 23.66 ? 64   PRO C CB 1 
ATOM   114 C CG . PRO C 2 4 ? 5.304  -0.347 -0.035  1.00 24.74 ? 64   PRO C CG 1 
ATOM   115 C CD . PRO C 2 4 ? 4.010  0.227  0.427   1.00 21.59 ? 64   PRO C CD 1 
ATOM   116 N N  . PRO C 2 5 ? 4.568  -0.317 -4.156  1.00 18.69 ? 65   PRO C N  1 
ATOM   117 C CA . PRO C 2 5 ? 4.379  -1.335 -5.202  1.00 17.25 ? 65   PRO C CA 1 
ATOM   118 C C  . PRO C 2 5 ? 4.896  -2.678 -4.724  1.00 15.60 ? 65   PRO C C  1 
ATOM   119 O O  . PRO C 2 5 ? 5.858  -2.735 -3.972  1.00 18.11 ? 65   PRO C O  1 
ATOM   120 C CB . PRO C 2 5 ? 5.241  -0.897 -6.382  1.00 20.35 ? 65   PRO C CB 1 
ATOM   121 C CG . PRO C 2 5 ? 5.744  0.501  -6.072  1.00 28.93 ? 65   PRO C CG 1 
ATOM   122 C CD . PRO C 2 5 ? 5.439  0.768  -4.649  1.00 23.36 ? 65   PRO C CD 1 
ATOM   123 N N  . GLY C 2 6 ? 4.299  -3.755 -5.206  1.00 16.20 ? 66   GLY C N  1 
ATOM   124 C CA . GLY C 2 6 ? 4.805  -5.092 -5.023  1.00 17.29 ? 66   GLY C CA 1 
ATOM   125 C C  . GLY C 2 6 ? 6.113  -5.411 -5.753  1.00 16.96 ? 66   GLY C C  1 
ATOM   126 O O  . GLY C 2 6 ? 6.589  -4.588 -6.538  1.00 16.54 ? 66   GLY C O  1 
HETATM 127 O O  . HOH D 3 . ? -7.260 0.104  6.484   1.00 32.68 ? 1001 HOH A O  1 
HETATM 128 O O  . HOH D 3 . ? -8.060 2.849  3.837   1.00 39.70 ? 1002 HOH A O  1 
HETATM 129 O O  . HOH D 3 . ? -5.180 -1.491 4.788   1.00 26.75 ? 1003 HOH A O  1 
HETATM 130 O O  . HOH D 3 . ? -5.552 -0.755 -3.332  1.00 30.38 ? 1004 HOH A O  1 
HETATM 131 O O  . HOH D 3 . ? -2.993 0.946  -4.729  1.00 36.31 ? 1005 HOH A O  1 
HETATM 132 O O  . HOH D 3 . ? -3.109 -3.837 -5.245  1.00 33.86 ? 1006 HOH A O  1 
HETATM 133 O O  . HOH D 3 . ? 1.064  -2.107 -11.425 1.00 39.18 ? 1007 HOH A O  1 
HETATM 134 O O  . HOH D 3 . ? 4.613  -1.732 -10.510 1.00 35.51 ? 1008 HOH A O  1 
HETATM 135 O O  . HOH D 3 . ? 2.355  -5.224 -13.481 1.00 25.26 ? 1009 HOH A O  1 
HETATM 136 O O  . HOH D 3 . ? 3.023  0.807  -11.110 1.00 39.39 ? 1022 HOH A O  1 
HETATM 137 O O  . HOH D 3 . ? -7.131 -2.116 2.910   1.00 29.12 ? 1023 HOH A O  1 
HETATM 138 O O  . HOH D 3 . ? -0.169 -6.481 -12.851 1.00 28.87 ? 1024 HOH A O  1 
HETATM 139 O O  . HOH D 3 . ? -1.962 3.124  -5.511  1.00 40.13 ? 1025 HOH A O  1 
HETATM 140 O O  . HOH D 3 . ? -5.585 1.770  -4.188  1.00 33.70 ? 1026 HOH A O  1 
HETATM 141 O O  . HOH D 3 . ? 7.038  0.086  -9.610  1.00 56.95 ? 1028 HOH A O  1 
HETATM 142 O O  . HOH D 3 . ? 3.585  2.619  -9.228  1.00 46.73 ? 1030 HOH A O  1 
HETATM 143 O O  . HOH D 3 . ? -4.199 -2.007 -7.103  1.00 50.25 ? 1034 HOH A O  1 
HETATM 144 O O  . HOH D 3 . ? -3.950 -3.375 5.854   1.00 56.01 ? 1036 HOH A O  1 
HETATM 145 O O  . HOH D 3 . ? -2.603 -2.152 7.496   1.00 63.94 ? 1037 HOH A O  1 
HETATM 146 O O  . HOH E 3 . ? 2.808  1.118  7.317   1.00 32.33 ? 1010 HOH B O  1 
HETATM 147 O O  . HOH E 3 . ? 0.079  -0.990 6.674   1.00 37.30 ? 1011 HOH B O  1 
HETATM 148 O O  . HOH E 3 . ? 4.239  -0.274 3.565   1.00 33.50 ? 1012 HOH B O  1 
HETATM 149 O O  . HOH E 3 . ? -1.386 -6.871 -1.068  1.00 43.62 ? 1013 HOH B O  1 
HETATM 150 O O  . HOH E 3 . ? 3.757  -8.613 -1.830  1.00 43.18 ? 1014 HOH B O  1 
HETATM 151 O O  . HOH E 3 . ? -3.708 -6.304 -3.197  1.00 25.62 ? 1021 HOH B O  1 
HETATM 152 O O  . HOH E 3 . ? 5.520  2.346  2.810   1.00 34.47 ? 1029 HOH B O  1 
HETATM 153 O O  . HOH E 3 . ? 5.252  3.828  1.110   0.50 39.94 ? 1035 HOH B O  1 
HETATM 154 O O  . HOH F 3 . ? 1.233  6.056  -1.759  1.00 42.23 ? 1015 HOH C O  1 
HETATM 155 O O  . HOH F 3 . ? 3.581  4.413  1.113   0.50 35.08 ? 1016 HOH C O  1 
HETATM 156 O O  . HOH F 3 . ? 1.884  3.468  -3.789  1.00 46.11 ? 1017 HOH C O  1 
HETATM 157 O O  . HOH F 3 . ? 8.387  -1.568 -3.720  1.00 29.61 ? 1018 HOH C O  1 
HETATM 158 O O  . HOH F 3 . ? 7.524  -4.712 -2.704  1.00 28.84 ? 1019 HOH C O  1 
HETATM 159 O O  . HOH F 3 . ? 8.816  -3.015 -6.531  1.00 32.90 ? 1020 HOH C O  1 
HETATM 160 O O  . HOH F 3 . ? 10.643 -4.734 -4.823  1.00 38.30 ? 1027 HOH C O  1 
HETATM 161 O O  . HOH F 3 . ? 2.724  3.767  -6.619  1.00 49.54 ? 1031 HOH C O  1 
HETATM 162 O O  . HOH F 3 . ? 9.378  -1.623 -8.590  0.50 31.31 ? 1032 HOH C O  1 
# 
loop_
_atom_site_anisotrop.id 
_atom_site_anisotrop.type_symbol 
_atom_site_anisotrop.pdbx_label_atom_id 
_atom_site_anisotrop.pdbx_label_alt_id 
_atom_site_anisotrop.pdbx_label_comp_id 
_atom_site_anisotrop.pdbx_label_asym_id 
_atom_site_anisotrop.pdbx_label_seq_id 
_atom_site_anisotrop.pdbx_PDB_ins_code 
_atom_site_anisotrop.U[1][1] 
_atom_site_anisotrop.U[2][2] 
_atom_site_anisotrop.U[3][3] 
_atom_site_anisotrop.U[1][2] 
_atom_site_anisotrop.U[1][3] 
_atom_site_anisotrop.U[2][3] 
_atom_site_anisotrop.pdbx_auth_seq_id 
_atom_site_anisotrop.pdbx_auth_comp_id 
_atom_site_anisotrop.pdbx_auth_asym_id 
_atom_site_anisotrop.pdbx_auth_atom_id 
1   N N  . PRO A 1 ? 0.2513 0.2251 0.2346 -0.0888 -0.0048 -0.0044 1    PRO A N  
2   C CA . PRO A 1 ? 0.2565 0.2127 0.2072 -0.0942 0.0187  0.0348  1    PRO A CA 
3   C C  . PRO A 1 ? 0.2341 0.2300 0.1807 -0.0508 -0.0124 0.0562  1    PRO A C  
4   O O  . PRO A 1 ? 0.2080 0.2155 0.2061 -0.0692 0.0051  0.0436  1    PRO A O  
5   C CB . PRO A 1 ? 0.2617 0.2301 0.3103 -0.1093 0.0067  -0.0171 1    PRO A CB 
6   C CG . PRO A 1 ? 0.2901 0.2856 0.2798 -0.1166 -0.0502 0.0335  1    PRO A CG 
7   C CD . PRO A 1 ? 0.2543 0.2167 0.2837 -0.0906 0.0013  0.0456  1    PRO A CD 
8   N N  . PRO A 2 ? 0.2461 0.2357 0.2164 -0.0349 -0.0117 0.0884  2    PRO A N  
9   C CA . PRO A 2 ? 0.2124 0.2001 0.2383 -0.0565 -0.0218 0.0456  2    PRO A CA 
10  C C  . PRO A 2 ? 0.2032 0.1869 0.2218 -0.0636 -0.0103 0.0309  2    PRO A C  
11  O O  . PRO A 2 ? 0.2045 0.2526 0.2371 -0.0913 -0.0101 0.0235  2    PRO A O  
12  C CB . PRO A 2 ? 0.3171 0.2159 0.2529 -0.0199 -0.0414 0.0365  2    PRO A CB 
13  C CG . PRO A 2 ? 0.4427 0.2512 0.3825 0.0349  0.0775  0.1295  2    PRO A CG 
14  C CD . PRO A 2 ? 0.3240 0.2817 0.3590 -0.0111 0.0435  0.1728  2    PRO A CD 
15  N N  . GLY A 3 ? 0.1714 0.2294 0.2377 -0.0787 -0.0466 0.0644  3    GLY A N  
16  C CA . GLY A 3 ? 0.1723 0.2131 0.2244 -0.0349 -0.0130 0.0518  3    GLY A CA 
17  C C  . GLY A 3 ? 0.1354 0.2216 0.1935 -0.0243 -0.0001 0.0545  3    GLY A C  
18  O O  . GLY A 3 ? 0.1841 0.2164 0.2158 -0.0438 -0.0167 0.0596  3    GLY A O  
19  N N  . PRO A 4 ? 0.1640 0.2690 0.2079 -0.0322 -0.0293 0.0539  4    PRO A N  
20  C CA . PRO A 4 ? 0.1553 0.2948 0.2433 -0.0523 -0.0486 0.0251  4    PRO A CA 
21  C C  . PRO A 4 ? 0.1735 0.2458 0.2278 -0.0492 -0.0237 0.0571  4    PRO A C  
22  O O  . PRO A 4 ? 0.1633 0.2231 0.2128 -0.0378 -0.0335 0.0456  4    PRO A O  
23  C CB . PRO A 4 ? 0.1932 0.4115 0.2282 -0.0151 -0.0570 0.0278  4    PRO A CB 
24  C CG . PRO A 4 ? 0.2431 0.4309 0.1988 -0.0039 -0.0146 0.0870  4    PRO A CG 
25  C CD . PRO A 4 ? 0.2026 0.3177 0.2280 0.0249  -0.0178 0.0838  4    PRO A CD 
26  N N  . PRO A 5 ? 0.1803 0.2522 0.2603 -0.0564 -0.0454 0.0341  5    PRO A N  
27  C CA . PRO A 5 ? 0.1999 0.2252 0.2783 -0.0556 -0.0269 0.0422  5    PRO A CA 
28  C C  . PRO A 5 ? 0.1638 0.2333 0.2528 -0.0417 -0.0498 0.0419  5    PRO A C  
29  O O  . PRO A 5 ? 0.1575 0.3426 0.2291 0.0016  -0.0367 0.0352  5    PRO A O  
30  C CB . PRO A 5 ? 0.2769 0.2433 0.2623 -0.0949 -0.0036 0.0171  5    PRO A CB 
31  C CG . PRO A 5 ? 0.2724 0.2789 0.3645 -0.1248 0.0313  -0.0316 5    PRO A CG 
32  C CD . PRO A 5 ? 0.2011 0.3060 0.3615 -0.0931 -0.0418 0.0082  5    PRO A CD 
33  N N  . GLY A 6 ? 0.1609 0.2321 0.2367 -0.0443 -0.0582 0.0486  6    GLY A N  
34  C CA . GLY A 6 ? 0.1986 0.2019 0.2613 -0.0473 -0.0258 0.0422  6    GLY A CA 
35  C C  . GLY A 6 ? 0.1706 0.1888 0.2446 0.0041  -0.0442 0.0604  6    GLY A C  
36  O O  . GLY A 6 ? 0.2068 0.2178 0.2455 -0.0313 -0.0056 0.0073  6    GLY A O  
37  N N  . PRO A 7 ? 0.1864 0.2271 0.2473 0.0215  -0.0253 0.0692  7    PRO A N  
38  C CA . PRO A 7 ? 0.2181 0.2712 0.2502 0.0224  -0.0437 0.0569  7    PRO A CA 
39  C C  . PRO A 7 ? 0.1685 0.2555 0.1832 -0.0136 -0.0339 0.0632  7    PRO A C  
40  O O  . PRO A 7 ? 0.1722 0.2425 0.2097 -0.0283 -0.0549 0.0652  7    PRO A O  
41  C CB . PRO A 7 ? 0.3100 0.2797 0.2515 0.0541  -0.0239 0.0773  7    PRO A CB 
42  C CG . PRO A 7 ? 0.2908 0.3462 0.2849 -0.0347 0.0016  0.1197  7    PRO A CG 
43  C CD . PRO A 7 ? 0.1984 0.2596 0.2688 -0.0138 -0.0199 0.0859  7    PRO A CD 
44  N N  . PRO A 8 ? 0.1564 0.2907 0.1955 0.0101  -0.0462 0.0461  8    PRO A N  
45  C CA . PRO A 8 ? 0.1578 0.2613 0.2392 -0.0255 -0.0200 0.0345  8    PRO A CA 
46  C C  . PRO A 8 ? 0.1560 0.2187 0.1812 -0.0160 -0.0366 0.0592  8    PRO A C  
47  O O  . PRO A 8 ? 0.1944 0.2222 0.2219 -0.0068 -0.0103 0.0691  8    PRO A O  
48  C CB . PRO A 8 ? 0.1866 0.2849 0.2661 -0.0492 -0.0471 0.0256  8    PRO A CB 
49  C CG . PRO A 8 ? 0.1917 0.4156 0.3065 -0.0029 -0.0685 -0.0532 8    PRO A CG 
50  C CD . PRO A 8 ? 0.1768 0.3891 0.2257 0.0123  -0.0661 0.0102  8    PRO A CD 
51  N N  . GLY A 9 ? 0.1551 0.1997 0.2179 -0.0266 -0.0331 0.0496  9    GLY A N  
52  C CA . GLY A 9 ? 0.1486 0.2237 0.2301 -0.0199 -0.0340 0.0304  9    GLY A CA 
53  C C  . GLY A 9 ? 0.1624 0.1734 0.2166 -0.0359 -0.0435 0.0766  9    GLY A C  
54  O O  . GLY A 9 ? 0.1536 0.2260 0.2090 -0.0365 -0.0243 0.0439  9    GLY A O  
55  N N  . PRO B 1 ? 0.2088 0.1965 0.2285 -0.0064 -0.0645 0.0268  31   PRO B N  
56  C CA . PRO B 1 ? 0.1879 0.2362 0.2434 0.0019  -0.0722 0.0181  31   PRO B CA 
57  C C  . PRO B 1 ? 0.1695 0.2059 0.2600 0.0114  -0.0654 0.0011  31   PRO B C  
58  O O  . PRO B 1 ? 0.1747 0.2250 0.2277 -0.0128 -0.0714 0.0563  31   PRO B O  
59  C CB . PRO B 1 ? 0.2675 0.2709 0.2750 0.0493  -0.0910 0.0175  31   PRO B CB 
60  C CG . PRO B 1 ? 0.3217 0.2230 0.2774 0.0341  -0.0809 0.0601  31   PRO B CG 
61  C CD . PRO B 1 ? 0.2808 0.2219 0.2345 0.0103  -0.0390 0.0548  31   PRO B CD 
62  N N  . PRO B 2 ? 0.1727 0.1854 0.2455 -0.0253 -0.0611 0.0222  32   PRO B N  
63  C CA . PRO B 2 ? 0.1812 0.2063 0.2544 -0.0280 -0.0452 0.0202  32   PRO B CA 
64  C C  . PRO B 2 ? 0.1847 0.1971 0.2282 -0.0172 -0.0625 0.0206  32   PRO B C  
65  O O  . PRO B 2 ? 0.2220 0.2097 0.2444 -0.0066 -0.0725 0.0352  32   PRO B O  
66  C CB . PRO B 2 ? 0.1972 0.2387 0.3055 -0.0211 -0.0019 0.0260  32   PRO B CB 
67  C CG . PRO B 2 ? 0.1902 0.2717 0.3620 -0.0634 -0.0446 0.0528  32   PRO B CG 
68  C CD . PRO B 2 ? 0.1755 0.2671 0.3192 -0.0323 -0.0716 -0.0038 32   PRO B CD 
69  N N  . GLY B 3 ? 0.1735 0.2110 0.2476 -0.0176 -0.0752 0.0242  33   GLY B N  
70  C CA . GLY B 3 ? 0.1805 0.2148 0.2843 -0.0223 -0.0916 0.0004  33   GLY B CA 
71  C C  . GLY B 3 ? 0.1934 0.2017 0.2102 -0.0202 -0.0705 0.0439  33   GLY B C  
72  O O  . GLY B 3 ? 0.1919 0.2178 0.2610 -0.0176 -0.0550 0.0368  33   GLY B O  
73  N N  . PRO B 4 ? 0.1984 0.2052 0.2499 -0.0220 -0.0543 0.0352  34   PRO B N  
74  C CA . PRO B 4 ? 0.2606 0.2159 0.2333 0.0174  -0.0593 0.0457  34   PRO B CA 
75  C C  . PRO B 4 ? 0.2013 0.2064 0.2311 -0.0077 -0.0760 0.0321  34   PRO B C  
76  O O  . PRO B 4 ? 0.1849 0.1997 0.2346 -0.0262 -0.0676 0.0517  34   PRO B O  
77  C CB . PRO B 4 ? 0.4111 0.2078 0.2840 -0.0015 0.0115  0.0598  34   PRO B CB 
78  C CG . PRO B 4 ? 0.3553 0.2193 0.4018 -0.0857 0.0549  0.0115  34   PRO B CG 
79  C CD . PRO B 4 ? 0.2379 0.2320 0.3077 -0.0607 -0.0223 0.0117  34   PRO B CD 
80  N N  . PRO B 5 ? 0.2137 0.2401 0.2506 0.0127  -0.0929 -0.0051 35   PRO B N  
81  C CA . PRO B 5 ? 0.1743 0.2507 0.2639 -0.0051 -0.0775 0.0095  35   PRO B CA 
82  C C  . PRO B 5 ? 0.1919 0.1792 0.2150 -0.0228 -0.0413 0.0217  35   PRO B C  
83  O O  . PRO B 5 ? 0.2787 0.2080 0.2417 -0.0630 -0.0323 0.0355  35   PRO B O  
84  C CB . PRO B 5 ? 0.2332 0.4194 0.3399 0.0973  -0.1035 -0.0652 35   PRO B CB 
85  C CG . PRO B 5 ? 0.2707 0.4578 0.3542 0.1174  -0.1447 -0.0220 35   PRO B CG 
86  C CD . PRO B 5 ? 0.3543 0.3549 0.2946 0.1449  -0.1077 0.0310  35   PRO B CD 
87  N N  . GLY B 6 ? 0.1979 0.2013 0.2361 -0.0484 -0.0579 0.0492  36   GLY B N  
88  C CA . GLY B 6 ? 0.2469 0.1912 0.1851 -0.0328 -0.0167 0.0155  36   GLY B CA 
89  C C  . GLY B 6 ? 0.1913 0.1754 0.2364 -0.0472 0.0167  0.0520  36   GLY B C  
90  O O  . GLY B 6 ? 0.2185 0.2026 0.2276 -0.0321 -0.0107 0.0502  36   GLY B O  
91  N N  . PRO C 1 ? 0.1596 0.2194 0.2532 -0.0447 -0.0090 0.0744  61   PRO C N  
92  C CA . PRO C 1 ? 0.1885 0.2124 0.2374 -0.0041 -0.0245 0.1220  61   PRO C CA 
93  C C  . PRO C 1 ? 0.1615 0.2333 0.2277 -0.0034 -0.0152 0.0941  61   PRO C C  
94  O O  . PRO C 1 ? 0.1900 0.2009 0.2262 -0.0029 -0.0455 0.0713  61   PRO C O  
95  C CB . PRO C 1 ? 0.2675 0.2635 0.3465 -0.0670 0.0656  0.0958  61   PRO C CB 
96  C CG . PRO C 1 ? 0.1776 0.3790 0.4105 -0.1041 0.0162  0.0270  61   PRO C CG 
97  C CD . PRO C 1 ? 0.2019 0.2656 0.3203 -0.0752 -0.0152 0.0103  61   PRO C CD 
98  N N  . PRO C 2 ? 0.2307 0.2486 0.2233 0.0229  0.0018  0.1030  62   PRO C N  
99  C CA . PRO C 2 ? 0.2172 0.2686 0.2396 0.0276  0.0100  0.0742  62   PRO C CA 
100 C C  . PRO C 2 ? 0.2029 0.2042 0.2158 -0.0183 0.0034  0.0366  62   PRO C C  
101 O O  . PRO C 2 ? 0.2332 0.2069 0.2979 -0.0363 0.0331  0.0234  62   PRO C O  
102 C CB . PRO C 2 ? 0.3042 0.2851 0.2625 -0.0209 -0.0593 0.0691  62   PRO C CB 
103 C CG . PRO C 2 ? 0.3625 0.3947 0.2659 0.0882  -0.0769 0.0723  62   PRO C CG 
104 C CD . PRO C 2 ? 0.3470 0.3233 0.2067 0.1141  0.0106  0.0992  62   PRO C CD 
105 N N  . GLY C 3 ? 0.1678 0.2065 0.2519 -0.0181 -0.0105 0.0416  63   GLY C N  
106 C CA . GLY C 3 ? 0.1777 0.2600 0.2486 0.0102  -0.0144 0.0118  63   GLY C CA 
107 C C  . GLY C 3 ? 0.1689 0.2012 0.2982 -0.0391 0.0174  0.0239  63   GLY C C  
108 O O  . GLY C 3 ? 0.2225 0.1982 0.2852 -0.0430 0.0234  0.0296  63   GLY C O  
109 N N  . PRO C 4 ? 0.1464 0.2460 0.3365 -0.0525 -0.0030 -0.0396 64   PRO C N  
110 C CA . PRO C 4 ? 0.1576 0.2506 0.3938 -0.0592 0.0344  -0.0617 64   PRO C CA 
111 C C  . PRO C 4 ? 0.1773 0.2064 0.3212 -0.0423 0.0021  -0.0045 64   PRO C C  
112 O O  . PRO C 4 ? 0.1730 0.1894 0.2899 -0.0302 -0.0248 0.0219  64   PRO C O  
113 C CB . PRO C 4 ? 0.1360 0.3026 0.4604 -0.0857 0.0077  -0.0865 64   PRO C CB 
114 C CG . PRO C 4 ? 0.1833 0.2520 0.5048 0.0036  -0.0090 -0.0282 64   PRO C CG 
115 C CD . PRO C 4 ? 0.1684 0.2561 0.3956 -0.0115 -0.0205 -0.0062 64   PRO C CD 
116 N N  . PRO C 5 ? 0.1836 0.1995 0.3271 -0.0369 0.0009  0.0237  65   PRO C N  
117 C CA . PRO C 5 ? 0.1518 0.2300 0.2735 -0.0491 -0.0277 0.0384  65   PRO C CA 
118 C C  . PRO C 5 ? 0.1490 0.2261 0.2176 -0.0288 -0.0229 0.0123  65   PRO C C  
119 O O  . PRO C 5 ? 0.1688 0.2252 0.2940 -0.0203 -0.0591 -0.0226 65   PRO C O  
120 C CB . PRO C 5 ? 0.2167 0.2500 0.3063 -0.0496 0.0059  0.0613  65   PRO C CB 
121 C CG . PRO C 5 ? 0.4416 0.2904 0.3672 -0.1505 0.0524  0.0507  65   PRO C CG 
122 C CD . PRO C 5 ? 0.3092 0.2247 0.3538 -0.0975 -0.0050 0.0532  65   PRO C CD 
123 N N  . GLY C 6 ? 0.1719 0.2270 0.2167 -0.0605 -0.0452 0.0450  66   GLY C N  
124 C CA . GLY C 6 ? 0.1776 0.2204 0.2589 -0.0656 -0.0164 0.0531  66   GLY C CA 
125 C C  . GLY C 6 ? 0.1781 0.2702 0.1959 -0.0611 -0.0364 0.0280  66   GLY C C  
126 O O  . GLY C 6 ? 0.1677 0.2311 0.2299 -0.0426 -0.0349 0.0406  66   GLY C O  
127 O O  . HOH D . ? 0.4876 0.2819 0.4723 -0.1761 0.0952  0.0118  1001 HOH A O  
128 O O  . HOH D . ? 0.3672 0.5121 0.6292 -0.0521 0.0391  -0.1037 1002 HOH A O  
129 O O  . HOH D . ? 0.3218 0.2886 0.4060 -0.0864 -0.0046 0.1012  1003 HOH A O  
130 O O  . HOH D . ? 0.3596 0.4431 0.3515 -0.0767 -0.0277 0.0065  1004 HOH A O  
131 O O  . HOH D . ? 0.3726 0.5983 0.4084 0.0979  0.0158  0.1567  1005 HOH A O  
132 O O  . HOH D . ? 0.2696 0.5556 0.4613 -0.1022 0.0048  -0.0824 1006 HOH A O  
133 O O  . HOH D . ? 0.5483 0.5101 0.4304 0.1586  -0.0370 0.1891  1007 HOH A O  
134 O O  . HOH D . ? 0.3681 0.3926 0.5885 -0.0325 -0.0629 0.2478  1008 HOH A O  
135 O O  . HOH D . ? 0.2991 0.3543 0.3062 0.0067  -0.1106 0.0898  1009 HOH A O  
136 O O  . HOH D . ? 0.3299 0.4230 0.7439 0.0190  -0.1241 0.0848  1022 HOH A O  
137 O O  . HOH D . ? 0.4526 0.3368 0.3171 -0.0709 -0.0352 0.0468  1023 HOH A O  
138 O O  . HOH D . ? 0.3389 0.3804 0.3775 0.0044  0.0058  -0.0240 1024 HOH A O  
139 O O  . HOH D . ? 0.5371 0.6800 0.3078 0.0092  -0.0036 0.1231  1025 HOH A O  
140 O O  . HOH D . ? 0.3135 0.6844 0.2825 -0.0008 -0.0511 0.0867  1026 HOH A O  
141 O O  . HOH D . ? 0.7475 0.8220 0.5944 0.1031  0.0970  0.0812  1028 HOH A O  
142 O O  . HOH D . ? 0.3890 0.7354 0.6509 -0.0111 -0.0071 0.1665  1030 HOH A O  
143 O O  . HOH D . ? 0.3875 0.7880 0.7337 0.1531  0.0315  0.0501  1034 HOH A O  
144 O O  . HOH D . ? 0.5949 0.6887 0.8447 -0.0261 -0.1029 0.0597  1036 HOH A O  
145 O O  . HOH D . ? 0.7434 0.8256 0.8604 -0.0693 -0.0418 -0.0082 1037 HOH A O  
146 O O  . HOH E . ? 0.3053 0.3455 0.5775 0.0003  -0.2257 0.0143  1010 HOH B O  
147 O O  . HOH E . ? 0.6146 0.3324 0.4700 -0.1059 -0.1794 0.0805  1011 HOH B O  
148 O O  . HOH E . ? 0.2323 0.6269 0.4135 0.0624  -0.0843 0.0735  1012 HOH B O  
149 O O  . HOH E . ? 0.3789 0.6235 0.6551 -0.0155 0.0562  0.2299  1013 HOH B O  
150 O O  . HOH E . ? 0.7133 0.4875 0.4399 0.0141  -0.1030 0.2600  1014 HOH B O  
151 O O  . HOH E . ? 0.2302 0.3148 0.4282 -0.0833 -0.0184 0.0307  1021 HOH B O  
152 O O  . HOH E . ? 0.4521 0.4568 0.4010 -0.1308 0.0077  -0.0712 1029 HOH B O  
153 O O  . HOH E . ? 0.5965 0.4345 0.4867 -0.0727 -0.0071 0.0776  1035 HOH B O  
154 O O  . HOH F . ? 0.6031 0.4379 0.5636 -0.0020 0.1605  0.0977  1015 HOH C O  
155 O O  . HOH F . ? 0.4177 0.4619 0.4533 -0.0968 0.1084  0.0098  1016 HOH C O  
156 O O  . HOH F . ? 0.7450 0.5434 0.4635 0.0661  -0.0145 0.0946  1017 HOH C O  
157 O O  . HOH F . ? 0.2501 0.3298 0.5453 -0.0163 0.0086  0.0555  1018 HOH C O  
158 O O  . HOH F . ? 0.3375 0.3815 0.3769 0.0610  -0.1298 -0.0342 1019 HOH C O  
159 O O  . HOH F . ? 0.2521 0.4133 0.5846 -0.1392 -0.1175 0.0026  1020 HOH C O  
160 O O  . HOH F . ? 0.4130 0.3352 0.7072 0.0523  -0.2647 -0.0522 1027 HOH C O  
161 O O  . HOH F . ? 0.6912 0.4142 0.7769 0.0205  -0.0187 -0.1140 1031 HOH C O  
162 O O  . HOH F . ? 0.4360 0.4020 0.3517 -0.1048 -0.0955 0.0303  1032 HOH C O  
# 
